data_2R0P
#
_entry.id   2R0P
#
_cell.length_a   63.094
_cell.length_b   77.509
_cell.length_c   64.652
_cell.angle_alpha   90.00
_cell.angle_beta   108.85
_cell.angle_gamma   90.00
#
_symmetry.space_group_name_H-M   'P 1 21 1'
#
loop_
_entity.id
_entity.type
_entity.pdbx_description
1 polymer RebC
2 non-polymer 'CHLORIDE ION'
3 non-polymer 'FLAVIN-ADENINE DINUCLEOTIDE'
4 non-polymer 6,7,12,13-tetrahydro-5H-indolo[2,3-a]pyrrolo[3,4-c]carbazol-5-one
5 water water
#
_entity_poly.entity_id   1
_entity_poly.type   'polypeptide(L)'
_entity_poly.pdbx_seq_one_letter_code
;MGSSHHHHHHSSGLVPRGSHMNAPIETDVLILGGGPVGMALALDLAHRQVGHLVVEQTDGTITHPRVGTIGPRSMELFRR
WGVAKQIRTAGWPGDHPLDAAWVTRVGGHEVYRIPLGTADTRATPEHTPEPDAICPQHWLAPLLAEAVGERLRTRSRLDS
FEQRDDHVRATITDLRTGATRAVHARYLVACDGASSPTRKALGIDAPPRHRTQVFRNILFRAPELRSLLGERAALFFFLM
LSSSLRFPLRALDGRGLYRLTVGVDDASKSTMDSFELVRRAVAFDTEIEVLSDSEWHLTHRVADSFSAGRVFLTGDAAHT
LSPSGGFGMNTGIGSAADLGWKLAATLRGWAGPGLLATYEEERRPVAITSLEEANVNLRRTMDRELPPGLHDDGPRGERI
RAAVAEKLERSGARREFDAPGIHFGHTYRSSIVCGEPETEVATGGWRPSARPGARAPHAWLTPTTSTLDLFGRGFVLLSF
GTTDGVEAVTRAFADRHVPLETVTCHAPEIHALYERAHVLVRPDGHVAWRGDHLPAELGGLVDKVRGAA
;
_entity_poly.pdbx_strand_id   A
#
loop_
_chem_comp.id
_chem_comp.type
_chem_comp.name
_chem_comp.formula
CL non-polymer 'CHLORIDE ION' 'Cl -1'
FAD non-polymer 'FLAVIN-ADENINE DINUCLEOTIDE' 'C27 H33 N9 O15 P2'
K2C non-polymer 6,7,12,13-tetrahydro-5H-indolo[2,3-a]pyrrolo[3,4-c]carbazol-5-one 'C20 H13 N3 O'
#
# COMPACT_ATOMS: atom_id res chain seq x y z
N MET A 21 36.46 -2.25 19.53
CA MET A 21 36.66 -2.53 18.08
C MET A 21 35.62 -3.54 17.58
N ASN A 22 34.53 -3.03 17.03
CA ASN A 22 33.45 -3.87 16.51
C ASN A 22 33.73 -4.41 15.10
N ALA A 23 33.29 -5.65 14.87
CA ALA A 23 33.47 -6.32 13.58
C ALA A 23 32.24 -6.16 12.71
N PRO A 24 32.35 -6.50 11.41
CA PRO A 24 31.23 -6.39 10.46
C PRO A 24 30.00 -7.16 10.92
N ILE A 25 28.84 -6.54 10.78
CA ILE A 25 27.58 -7.17 11.15
C ILE A 25 27.02 -7.93 9.95
N GLU A 26 26.52 -9.13 10.18
CA GLU A 26 25.98 -9.92 9.10
C GLU A 26 24.48 -10.16 9.21
N THR A 27 23.79 -9.99 8.08
CA THR A 27 22.36 -10.20 8.03
C THR A 27 22.01 -10.52 6.59
N ASP A 28 20.97 -11.32 6.39
CA ASP A 28 20.59 -11.69 5.03
C ASP A 28 20.08 -10.50 4.22
N VAL A 29 19.22 -9.68 4.81
CA VAL A 29 18.70 -8.54 4.06
C VAL A 29 18.80 -7.26 4.88
N LEU A 30 19.43 -6.24 4.30
CA LEU A 30 19.54 -4.94 4.96
C LEU A 30 18.52 -4.04 4.28
N ILE A 31 17.58 -3.53 5.07
CA ILE A 31 16.54 -2.67 4.56
C ILE A 31 16.89 -1.23 4.85
N LEU A 32 17.09 -0.46 3.79
CA LEU A 32 17.45 0.94 3.90
C LEU A 32 16.18 1.79 3.95
N GLY A 33 15.81 2.26 5.13
CA GLY A 33 14.63 3.09 5.25
C GLY A 33 13.54 2.46 6.09
N GLY A 34 13.17 3.14 7.17
CA GLY A 34 12.14 2.65 8.06
C GLY A 34 10.80 3.30 7.86
N GLY A 35 10.48 3.65 6.62
CA GLY A 35 9.19 4.25 6.34
C GLY A 35 8.17 3.13 6.29
N PRO A 36 6.90 3.44 5.97
CA PRO A 36 5.87 2.40 5.91
C PRO A 36 6.29 1.17 5.07
N VAL A 37 6.77 1.42 3.84
CA VAL A 37 7.16 0.33 2.96
C VAL A 37 8.33 -0.48 3.50
N GLY A 38 9.36 0.19 4.00
CA GLY A 38 10.50 -0.53 4.54
C GLY A 38 10.06 -1.38 5.72
N MET A 39 9.12 -0.87 6.51
CA MET A 39 8.63 -1.62 7.66
C MET A 39 7.78 -2.80 7.17
N ALA A 40 7.03 -2.59 6.09
CA ALA A 40 6.21 -3.66 5.52
C ALA A 40 7.11 -4.81 5.09
N LEU A 41 8.23 -4.47 4.44
CA LEU A 41 9.16 -5.50 3.98
C LEU A 41 9.76 -6.26 5.17
N ALA A 42 10.11 -5.54 6.23
CA ALA A 42 10.68 -6.19 7.41
C ALA A 42 9.65 -7.18 7.98
N LEU A 43 8.39 -6.77 8.01
CA LEU A 43 7.34 -7.62 8.52
C LEU A 43 7.21 -8.91 7.72
N ASP A 44 7.25 -8.79 6.40
CA ASP A 44 7.17 -9.97 5.56
C ASP A 44 8.40 -10.86 5.77
N LEU A 45 9.58 -10.26 5.88
CA LEU A 45 10.80 -11.04 6.07
C LEU A 45 10.76 -11.76 7.42
N ALA A 46 10.24 -11.10 8.46
CA ALA A 46 10.11 -11.74 9.79
C ALA A 46 9.13 -12.89 9.68
N HIS A 47 8.02 -12.63 9.00
CA HIS A 47 6.98 -13.63 8.78
C HIS A 47 7.52 -14.84 8.04
N ARG A 48 8.58 -14.64 7.25
CA ARG A 48 9.18 -15.73 6.48
C ARG A 48 10.47 -16.24 7.11
N GLN A 49 10.78 -15.74 8.30
CA GLN A 49 11.98 -16.13 9.04
C GLN A 49 13.30 -15.87 8.32
N VAL A 50 13.39 -14.70 7.69
CA VAL A 50 14.61 -14.31 6.99
C VAL A 50 15.28 -13.28 7.90
N GLY A 51 16.57 -13.44 8.12
CA GLY A 51 17.30 -12.50 8.96
C GLY A 51 17.42 -11.18 8.22
N HIS A 52 17.12 -10.08 8.90
CA HIS A 52 17.18 -8.78 8.27
C HIS A 52 17.45 -7.71 9.30
N LEU A 53 17.64 -6.50 8.82
CA LEU A 53 17.90 -5.36 9.69
C LEU A 53 17.37 -4.13 8.97
N VAL A 54 16.75 -3.22 9.70
CA VAL A 54 16.21 -1.99 9.11
C VAL A 54 16.96 -0.79 9.67
N VAL A 55 17.54 0.04 8.79
CA VAL A 55 18.24 1.23 9.25
C VAL A 55 17.44 2.47 8.86
N GLU A 56 17.11 3.25 9.86
CA GLU A 56 16.34 4.48 9.69
C GLU A 56 17.13 5.65 10.25
N GLN A 57 17.36 6.68 9.42
CA GLN A 57 18.14 7.83 9.87
C GLN A 57 17.49 8.71 10.93
N THR A 58 16.17 8.88 10.89
CA THR A 58 15.50 9.70 11.90
C THR A 58 15.31 8.89 13.19
N ASP A 59 14.78 9.52 14.23
CA ASP A 59 14.57 8.78 15.48
C ASP A 59 13.31 7.92 15.40
N GLY A 60 12.64 7.96 14.24
CA GLY A 60 11.44 7.18 14.05
C GLY A 60 10.17 7.85 14.51
N THR A 61 10.29 9.07 15.01
CA THR A 61 9.14 9.83 15.49
C THR A 61 8.50 10.64 14.37
N ILE A 62 7.17 10.71 14.40
CA ILE A 62 6.43 11.44 13.39
C ILE A 62 5.94 12.77 13.96
N THR A 63 6.15 13.84 13.20
CA THR A 63 5.75 15.17 13.62
C THR A 63 4.65 15.68 12.71
N HIS A 64 4.63 15.19 11.48
CA HIS A 64 3.61 15.61 10.53
C HIS A 64 3.20 14.43 9.66
N PRO A 65 2.13 13.72 10.06
CA PRO A 65 1.62 12.55 9.34
C PRO A 65 1.47 12.77 7.83
N ARG A 66 2.08 11.87 7.05
CA ARG A 66 2.03 11.96 5.61
C ARG A 66 1.07 10.95 5.03
N VAL A 67 0.83 9.88 5.78
CA VAL A 67 -0.08 8.85 5.35
C VAL A 67 -1.09 8.53 6.46
N GLY A 68 -2.20 7.90 6.08
CA GLY A 68 -3.22 7.57 7.04
C GLY A 68 -4.22 6.54 6.54
N THR A 69 -4.54 6.58 5.27
CA THR A 69 -5.50 5.64 4.69
C THR A 69 -4.78 4.36 4.26
N ILE A 70 -5.28 3.23 4.72
CA ILE A 70 -4.69 1.94 4.38
C ILE A 70 -5.72 1.14 3.60
N GLY A 71 -5.38 0.83 2.35
CA GLY A 71 -6.27 0.07 1.51
C GLY A 71 -6.57 -1.33 2.00
N PRO A 72 -7.65 -1.95 1.50
CA PRO A 72 -8.02 -3.30 1.91
C PRO A 72 -6.98 -4.38 1.59
N ARG A 73 -6.31 -4.26 0.44
CA ARG A 73 -5.29 -5.26 0.10
C ARG A 73 -4.12 -5.13 1.08
N SER A 74 -3.77 -3.90 1.44
CA SER A 74 -2.69 -3.70 2.39
C SER A 74 -3.09 -4.28 3.75
N MET A 75 -4.36 -4.13 4.12
CA MET A 75 -4.85 -4.65 5.39
C MET A 75 -4.82 -6.18 5.35
N GLU A 76 -5.01 -6.77 4.18
CA GLU A 76 -4.95 -8.23 4.09
C GLU A 76 -3.49 -8.66 4.34
N LEU A 77 -2.55 -7.85 3.87
CA LEU A 77 -1.16 -8.18 4.07
C LEU A 77 -0.81 -7.94 5.55
N PHE A 78 -1.37 -6.87 6.15
CA PHE A 78 -1.09 -6.63 7.57
C PHE A 78 -1.76 -7.76 8.39
N ARG A 79 -2.85 -8.30 7.87
CA ARG A 79 -3.51 -9.41 8.55
C ARG A 79 -2.53 -10.58 8.55
N ARG A 80 -1.94 -10.84 7.39
CA ARG A 80 -0.96 -11.92 7.25
C ARG A 80 0.22 -11.73 8.21
N TRP A 81 0.73 -10.51 8.29
CA TRP A 81 1.87 -10.22 9.15
C TRP A 81 1.52 -10.02 10.63
N GLY A 82 0.26 -10.23 10.99
CA GLY A 82 -0.18 -10.12 12.37
C GLY A 82 -0.29 -8.76 13.04
N VAL A 83 -0.60 -7.70 12.29
CA VAL A 83 -0.71 -6.37 12.89
C VAL A 83 -1.97 -5.64 12.47
N ALA A 84 -2.86 -6.33 11.75
CA ALA A 84 -4.08 -5.72 11.28
C ALA A 84 -4.97 -5.28 12.46
N LYS A 85 -5.05 -6.12 13.48
CA LYS A 85 -5.88 -5.80 14.65
C LYS A 85 -5.45 -4.50 15.30
N GLN A 86 -4.17 -4.40 15.63
CA GLN A 86 -3.70 -3.18 16.29
C GLN A 86 -3.84 -1.93 15.40
N ILE A 87 -3.75 -2.11 14.08
CA ILE A 87 -3.92 -0.96 13.20
C ILE A 87 -5.35 -0.44 13.37
N ARG A 88 -6.32 -1.35 13.30
CA ARG A 88 -7.74 -0.99 13.46
C ARG A 88 -8.12 -0.45 14.81
N THR A 89 -7.43 -0.90 15.86
CA THR A 89 -7.72 -0.46 17.22
C THR A 89 -6.70 0.57 17.71
N ALA A 90 -6.06 1.26 16.76
CA ALA A 90 -5.05 2.27 17.07
C ALA A 90 -5.64 3.56 17.61
N GLY A 91 -6.89 3.86 17.25
CA GLY A 91 -7.50 5.08 17.74
C GLY A 91 -8.52 5.76 16.85
N TRP A 92 -8.74 5.26 15.65
CA TRP A 92 -9.74 5.90 14.80
C TRP A 92 -11.10 5.58 15.40
N PRO A 93 -11.90 6.62 15.72
CA PRO A 93 -13.23 6.44 16.32
C PRO A 93 -14.15 5.55 15.51
N GLY A 94 -14.63 4.48 16.14
CA GLY A 94 -15.51 3.57 15.44
C GLY A 94 -16.78 4.23 14.91
N ASP A 95 -17.16 5.36 15.49
CA ASP A 95 -18.36 6.06 15.05
C ASP A 95 -18.14 7.32 14.21
N HIS A 96 -16.91 7.58 13.79
CA HIS A 96 -16.64 8.76 12.96
C HIS A 96 -17.07 8.49 11.52
N PRO A 97 -17.74 9.47 10.88
CA PRO A 97 -18.16 9.26 9.49
C PRO A 97 -16.95 9.04 8.60
N LEU A 98 -17.12 8.23 7.57
CA LEU A 98 -16.05 7.92 6.62
C LEU A 98 -16.37 8.59 5.29
N ASP A 99 -17.47 9.35 5.27
CA ASP A 99 -17.93 10.04 4.06
C ASP A 99 -16.88 10.96 3.42
N ALA A 100 -17.12 11.25 2.15
CA ALA A 100 -16.29 12.15 1.37
C ALA A 100 -17.31 13.24 1.04
N ALA A 101 -16.98 14.50 1.29
CA ALA A 101 -17.94 15.55 1.00
C ALA A 101 -17.35 16.78 0.32
N TRP A 102 -18.01 17.22 -0.74
CA TRP A 102 -17.60 18.40 -1.48
C TRP A 102 -18.40 19.54 -0.87
N VAL A 103 -17.70 20.50 -0.27
CA VAL A 103 -18.37 21.62 0.37
C VAL A 103 -17.78 22.97 -0.01
N THR A 104 -18.61 24.01 0.10
CA THR A 104 -18.18 25.37 -0.22
C THR A 104 -17.41 25.93 0.97
N ARG A 105 -17.37 25.16 2.05
CA ARG A 105 -16.68 25.55 3.27
C ARG A 105 -17.07 24.53 4.33
N VAL A 106 -16.12 24.10 5.16
CA VAL A 106 -16.43 23.15 6.20
C VAL A 106 -17.34 23.85 7.19
N GLY A 107 -18.59 23.44 7.24
CA GLY A 107 -19.55 24.06 8.12
C GLY A 107 -20.44 24.98 7.32
N GLY A 108 -20.05 25.19 6.06
CA GLY A 108 -20.83 26.04 5.16
C GLY A 108 -21.78 25.19 4.34
N HIS A 109 -22.07 25.62 3.12
CA HIS A 109 -22.98 24.88 2.26
C HIS A 109 -22.33 23.61 1.70
N GLU A 110 -23.09 22.53 1.70
CA GLU A 110 -22.60 21.25 1.20
C GLU A 110 -23.06 21.09 -0.24
N VAL A 111 -22.16 20.63 -1.11
CA VAL A 111 -22.50 20.43 -2.51
C VAL A 111 -22.80 18.98 -2.85
N TYR A 112 -21.86 18.09 -2.50
CA TYR A 112 -22.03 16.68 -2.79
C TYR A 112 -21.37 15.84 -1.70
N ARG A 113 -22.05 14.78 -1.28
CA ARG A 113 -21.53 13.89 -0.25
C ARG A 113 -21.69 12.43 -0.62
N ILE A 114 -20.63 11.67 -0.42
CA ILE A 114 -20.63 10.24 -0.69
C ILE A 114 -20.68 9.57 0.67
N PRO A 115 -21.84 8.99 1.04
CA PRO A 115 -21.99 8.32 2.33
C PRO A 115 -21.20 7.01 2.38
N LEU A 116 -20.37 6.86 3.41
CA LEU A 116 -19.54 5.67 3.57
C LEU A 116 -19.63 5.05 4.96
N GLY A 117 -20.70 5.40 5.67
CA GLY A 117 -20.93 4.87 7.00
C GLY A 117 -19.82 5.16 7.98
N THR A 118 -19.66 4.26 8.95
CA THR A 118 -18.64 4.37 9.97
C THR A 118 -17.97 3.01 10.12
N ALA A 119 -16.80 2.96 10.74
CA ALA A 119 -16.10 1.70 10.92
C ALA A 119 -16.99 0.68 11.63
N ASP A 120 -17.70 1.12 12.67
CA ASP A 120 -18.56 0.23 13.43
C ASP A 120 -19.85 -0.20 12.74
N THR A 121 -20.34 0.57 11.78
CA THR A 121 -21.61 0.24 11.12
C THR A 121 -21.61 -0.22 9.66
N ARG A 122 -20.53 0.02 8.93
CA ARG A 122 -20.54 -0.39 7.52
C ARG A 122 -20.58 -1.90 7.37
N ALA A 123 -21.28 -2.34 6.33
CA ALA A 123 -21.43 -3.76 6.06
C ALA A 123 -20.11 -4.45 5.74
N THR A 124 -19.89 -5.61 6.36
CA THR A 124 -18.68 -6.39 6.12
C THR A 124 -18.59 -6.62 4.62
N PRO A 125 -17.46 -6.23 4.00
CA PRO A 125 -17.29 -6.42 2.56
C PRO A 125 -17.34 -7.90 2.15
N GLU A 126 -17.96 -8.18 1.01
CA GLU A 126 -18.08 -9.55 0.53
C GLU A 126 -16.83 -10.11 -0.13
N HIS A 127 -16.01 -9.23 -0.69
CA HIS A 127 -14.82 -9.67 -1.42
C HIS A 127 -13.52 -9.70 -0.63
N THR A 128 -13.56 -9.22 0.61
CA THR A 128 -12.36 -9.23 1.43
C THR A 128 -12.63 -9.36 2.91
N PRO A 129 -11.75 -10.05 3.64
CA PRO A 129 -11.93 -10.21 5.08
C PRO A 129 -11.41 -8.96 5.79
N GLU A 130 -10.83 -8.05 5.03
CA GLU A 130 -10.27 -6.83 5.62
C GLU A 130 -10.59 -5.53 4.88
N PRO A 131 -11.60 -4.79 5.33
CA PRO A 131 -11.93 -3.53 4.66
C PRO A 131 -10.82 -2.52 4.92
N ASP A 132 -10.87 -1.37 4.27
CA ASP A 132 -9.84 -0.35 4.46
C ASP A 132 -9.83 0.14 5.90
N ALA A 133 -8.77 0.84 6.27
CA ALA A 133 -8.64 1.34 7.64
C ALA A 133 -7.99 2.71 7.64
N ILE A 134 -8.15 3.39 8.77
CA ILE A 134 -7.57 4.73 8.93
C ILE A 134 -6.59 4.65 10.11
N CYS A 135 -5.33 4.90 9.83
CA CYS A 135 -4.34 4.85 10.87
C CYS A 135 -3.27 5.88 10.60
N PRO A 136 -3.49 7.12 11.02
CA PRO A 136 -2.50 8.19 10.79
C PRO A 136 -1.09 7.73 11.12
N GLN A 137 -0.14 8.16 10.31
CA GLN A 137 1.27 7.77 10.47
C GLN A 137 1.84 7.88 11.90
N HIS A 138 1.35 8.82 12.70
CA HIS A 138 1.89 8.91 14.06
C HIS A 138 1.43 7.76 14.97
N TRP A 139 0.49 6.94 14.50
CA TRP A 139 0.05 5.77 15.26
C TRP A 139 0.67 4.55 14.57
N LEU A 140 0.59 4.54 13.24
CA LEU A 140 1.14 3.44 12.44
C LEU A 140 2.62 3.19 12.73
N ALA A 141 3.43 4.25 12.70
CA ALA A 141 4.86 4.14 12.93
C ALA A 141 5.26 3.44 14.23
N PRO A 142 4.71 3.89 15.39
CA PRO A 142 5.05 3.24 16.67
C PRO A 142 4.64 1.78 16.64
N LEU A 143 3.46 1.56 16.06
CA LEU A 143 2.87 0.24 15.93
C LEU A 143 3.73 -0.68 15.06
N LEU A 144 4.20 -0.17 13.92
CA LEU A 144 5.06 -0.98 13.06
C LEU A 144 6.39 -1.22 13.76
N ALA A 145 6.92 -0.17 14.39
CA ALA A 145 8.20 -0.27 15.07
C ALA A 145 8.14 -1.32 16.17
N GLU A 146 7.01 -1.36 16.88
CA GLU A 146 6.81 -2.33 17.95
C GLU A 146 6.80 -3.75 17.41
N ALA A 147 6.17 -3.94 16.26
CA ALA A 147 6.13 -5.27 15.66
C ALA A 147 7.47 -5.72 15.09
N VAL A 148 8.29 -4.79 14.61
CA VAL A 148 9.58 -5.16 14.03
C VAL A 148 10.66 -5.37 15.08
N GLY A 149 10.44 -4.81 16.26
CA GLY A 149 11.37 -4.97 17.36
C GLY A 149 12.77 -4.43 17.21
N GLU A 150 13.71 -5.15 17.80
CA GLU A 150 15.13 -4.80 17.81
C GLU A 150 15.80 -4.76 16.44
N ARG A 151 15.17 -5.37 15.44
CA ARG A 151 15.76 -5.36 14.11
C ARG A 151 15.64 -3.97 13.45
N LEU A 152 14.92 -3.07 14.10
CA LEU A 152 14.79 -1.71 13.59
C LEU A 152 15.83 -0.82 14.29
N ARG A 153 16.80 -0.34 13.54
CA ARG A 153 17.84 0.51 14.11
C ARG A 153 17.60 1.97 13.70
N THR A 154 17.04 2.76 14.61
CA THR A 154 16.76 4.17 14.36
C THR A 154 18.01 5.03 14.50
N ARG A 155 17.94 6.28 14.07
CA ARG A 155 19.08 7.20 14.14
C ARG A 155 20.31 6.55 13.50
N SER A 156 20.08 5.72 12.48
CA SER A 156 21.16 5.04 11.78
C SER A 156 21.08 5.42 10.30
N ARG A 157 22.12 6.10 9.81
CA ARG A 157 22.13 6.54 8.42
C ARG A 157 23.11 5.78 7.53
N LEU A 158 22.61 5.21 6.44
CA LEU A 158 23.49 4.48 5.53
C LEU A 158 24.19 5.53 4.69
N ASP A 159 25.50 5.60 4.83
CA ASP A 159 26.31 6.57 4.11
C ASP A 159 26.70 6.10 2.71
N SER A 160 27.15 4.87 2.61
CA SER A 160 27.55 4.33 1.31
C SER A 160 27.47 2.82 1.30
N PHE A 161 27.61 2.27 0.10
CA PHE A 161 27.57 0.83 -0.06
C PHE A 161 28.46 0.43 -1.23
N GLU A 162 28.90 -0.81 -1.22
CA GLU A 162 29.75 -1.36 -2.26
C GLU A 162 29.35 -2.81 -2.46
N GLN A 163 28.99 -3.16 -3.68
CA GLN A 163 28.60 -4.53 -3.94
C GLN A 163 29.80 -5.44 -4.15
N ARG A 164 29.69 -6.66 -3.65
CA ARG A 164 30.72 -7.67 -3.82
C ARG A 164 30.00 -8.83 -4.48
N ASP A 165 30.73 -9.85 -4.91
CA ASP A 165 30.12 -10.99 -5.60
C ASP A 165 28.97 -11.72 -4.90
N ASP A 166 29.05 -11.90 -3.59
CA ASP A 166 28.01 -12.64 -2.89
C ASP A 166 27.33 -11.85 -1.76
N HIS A 167 27.66 -10.57 -1.64
CA HIS A 167 27.07 -9.73 -0.62
C HIS A 167 27.23 -8.26 -0.99
N VAL A 168 26.76 -7.39 -0.12
CA VAL A 168 26.87 -5.96 -0.33
C VAL A 168 27.34 -5.39 0.99
N ARG A 169 28.28 -4.47 0.93
CA ARG A 169 28.83 -3.86 2.13
C ARG A 169 28.33 -2.43 2.25
N ALA A 170 27.85 -2.07 3.44
CA ALA A 170 27.34 -0.74 3.66
C ALA A 170 27.97 -0.15 4.91
N THR A 171 28.16 1.17 4.90
CA THR A 171 28.72 1.86 6.04
C THR A 171 27.56 2.59 6.69
N ILE A 172 27.34 2.34 7.97
CA ILE A 172 26.23 2.97 8.69
C ILE A 172 26.73 3.91 9.78
N THR A 173 26.21 5.14 9.79
CA THR A 173 26.59 6.10 10.81
C THR A 173 25.54 6.19 11.90
N ASP A 174 25.95 5.92 13.13
CA ASP A 174 25.06 6.00 14.28
C ASP A 174 24.89 7.50 14.58
N LEU A 175 23.75 8.06 14.21
CA LEU A 175 23.49 9.48 14.43
C LEU A 175 23.23 9.88 15.89
N ARG A 176 23.10 8.89 16.76
CA ARG A 176 22.85 9.18 18.17
C ARG A 176 24.19 9.36 18.88
N THR A 177 25.09 8.42 18.66
CA THR A 177 26.41 8.46 19.28
C THR A 177 27.38 9.20 18.37
N GLY A 178 27.67 8.61 17.21
CA GLY A 178 28.60 9.21 16.28
C GLY A 178 29.53 8.18 15.66
N ALA A 179 29.40 6.94 16.13
CA ALA A 179 30.24 5.85 15.64
C ALA A 179 29.73 5.29 14.31
N THR A 180 30.66 4.78 13.49
CA THR A 180 30.30 4.21 12.20
C THR A 180 30.59 2.71 12.20
N ARG A 181 29.62 1.93 11.72
CA ARG A 181 29.77 0.47 11.66
C ARG A 181 29.44 -0.04 10.27
N ALA A 182 29.98 -1.20 9.93
CA ALA A 182 29.74 -1.80 8.63
C ALA A 182 28.78 -2.97 8.74
N VAL A 183 27.92 -3.11 7.74
CA VAL A 183 26.97 -4.20 7.69
C VAL A 183 27.15 -4.96 6.39
N HIS A 184 27.38 -6.26 6.49
CA HIS A 184 27.55 -7.12 5.32
C HIS A 184 26.24 -7.87 5.16
N ALA A 185 25.54 -7.60 4.08
CA ALA A 185 24.26 -8.26 3.84
C ALA A 185 24.23 -8.90 2.47
N ARG A 186 23.44 -9.95 2.34
CA ARG A 186 23.33 -10.62 1.07
C ARG A 186 22.57 -9.77 0.06
N TYR A 187 21.68 -8.91 0.55
CA TYR A 187 20.91 -8.03 -0.32
C TYR A 187 20.60 -6.74 0.40
N LEU A 188 20.61 -5.64 -0.36
CA LEU A 188 20.29 -4.32 0.17
C LEU A 188 18.99 -3.95 -0.55
N VAL A 189 17.96 -3.63 0.22
CA VAL A 189 16.71 -3.23 -0.37
C VAL A 189 16.55 -1.77 -0.01
N ALA A 190 16.60 -0.90 -1.00
CA ALA A 190 16.44 0.52 -0.74
C ALA A 190 14.96 0.93 -0.69
N CYS A 191 14.52 1.33 0.49
CA CYS A 191 13.16 1.78 0.71
C CYS A 191 13.39 3.20 1.23
N ASP A 192 14.30 3.90 0.57
CA ASP A 192 14.66 5.25 0.98
C ASP A 192 13.89 6.41 0.39
N GLY A 193 12.74 6.14 -0.18
CA GLY A 193 11.91 7.23 -0.67
C GLY A 193 11.92 7.66 -2.12
N ALA A 194 11.08 8.66 -2.39
CA ALA A 194 10.92 9.23 -3.73
C ALA A 194 12.18 9.81 -4.34
N SER A 195 13.03 10.42 -3.53
CA SER A 195 14.26 11.03 -4.04
C SER A 195 15.43 10.09 -3.81
N SER A 196 15.10 8.82 -3.68
CA SER A 196 16.04 7.73 -3.45
C SER A 196 17.50 7.95 -3.82
N PRO A 197 18.34 8.31 -2.83
CA PRO A 197 19.76 8.50 -3.12
C PRO A 197 20.33 7.22 -3.72
N THR A 198 19.85 6.08 -3.23
CA THR A 198 20.32 4.79 -3.72
C THR A 198 20.07 4.60 -5.22
N ARG A 199 18.89 5.02 -5.67
CA ARG A 199 18.54 4.90 -7.08
C ARG A 199 19.54 5.68 -7.95
N LYS A 200 19.91 6.86 -7.48
CA LYS A 200 20.87 7.72 -8.18
C LYS A 200 22.25 7.07 -8.20
N ALA A 201 22.68 6.61 -7.03
CA ALA A 201 23.97 5.95 -6.88
C ALA A 201 24.12 4.75 -7.82
N LEU A 202 23.01 4.09 -8.11
CA LEU A 202 23.04 2.93 -8.99
C LEU A 202 22.95 3.38 -10.45
N GLY A 203 22.81 4.69 -10.65
CA GLY A 203 22.71 5.22 -12.00
C GLY A 203 21.42 4.81 -12.70
N ILE A 204 20.35 4.59 -11.95
CA ILE A 204 19.07 4.23 -12.54
C ILE A 204 18.22 5.48 -12.55
N ASP A 205 17.58 5.76 -13.69
CA ASP A 205 16.74 6.95 -13.78
C ASP A 205 15.26 6.67 -13.64
N ALA A 206 14.54 7.65 -13.11
CA ALA A 206 13.10 7.58 -12.92
C ALA A 206 12.54 8.87 -13.52
N PRO A 207 12.39 8.92 -14.84
CA PRO A 207 11.88 10.11 -15.54
C PRO A 207 10.43 10.45 -15.22
N PRO A 208 10.15 11.73 -14.91
CA PRO A 208 8.79 12.18 -14.59
C PRO A 208 7.80 11.74 -15.66
N ARG A 209 6.59 11.38 -15.24
CA ARG A 209 5.56 10.97 -16.19
C ARG A 209 4.45 12.01 -16.23
N HIS A 210 4.56 12.99 -15.33
CA HIS A 210 3.62 14.08 -15.26
C HIS A 210 4.30 15.24 -14.54
N ARG A 211 3.85 16.44 -14.83
CA ARG A 211 4.41 17.64 -14.21
C ARG A 211 4.40 17.51 -12.69
N THR A 212 5.39 18.08 -12.05
CA THR A 212 5.49 18.04 -10.60
C THR A 212 4.45 18.97 -9.99
N GLN A 213 3.63 18.43 -9.08
CA GLN A 213 2.61 19.22 -8.43
C GLN A 213 3.14 19.60 -7.06
N VAL A 214 3.08 20.88 -6.72
CA VAL A 214 3.58 21.31 -5.42
C VAL A 214 2.39 21.58 -4.51
N PHE A 215 2.39 20.93 -3.35
CA PHE A 215 1.30 21.07 -2.38
C PHE A 215 1.79 21.63 -1.06
N ARG A 216 0.93 22.42 -0.43
CA ARG A 216 1.24 22.98 0.87
C ARG A 216 0.34 22.24 1.85
N ASN A 217 0.94 21.58 2.83
CA ASN A 217 0.16 20.84 3.83
C ASN A 217 0.17 21.49 5.19
N ILE A 218 -1.02 21.83 5.68
CA ILE A 218 -1.16 22.47 6.98
C ILE A 218 -1.84 21.51 7.96
N LEU A 219 -1.07 21.09 8.96
CA LEU A 219 -1.55 20.19 9.99
C LEU A 219 -2.04 21.03 11.16
N PHE A 220 -3.32 20.92 11.49
CA PHE A 220 -3.86 21.69 12.60
C PHE A 220 -4.76 20.91 13.54
N ARG A 221 -4.95 21.48 14.73
CA ARG A 221 -5.78 20.88 15.76
C ARG A 221 -6.98 21.79 16.02
N ALA A 222 -8.17 21.21 15.94
CA ALA A 222 -9.42 21.95 16.17
C ALA A 222 -10.24 21.01 17.06
N PRO A 223 -10.02 21.09 18.38
CA PRO A 223 -10.66 20.28 19.43
C PRO A 223 -12.18 20.17 19.43
N GLU A 224 -12.87 21.22 18.98
CA GLU A 224 -14.33 21.20 18.99
C GLU A 224 -14.99 21.14 17.62
N LEU A 225 -14.20 21.11 16.56
CA LEU A 225 -14.75 21.06 15.22
C LEU A 225 -15.65 19.85 14.97
N ARG A 226 -15.29 18.67 15.47
CA ARG A 226 -16.10 17.48 15.26
C ARG A 226 -17.44 17.63 15.97
N SER A 227 -17.42 18.26 17.14
CA SER A 227 -18.65 18.47 17.90
C SER A 227 -19.56 19.41 17.13
N LEU A 228 -18.99 20.42 16.48
CA LEU A 228 -19.78 21.37 15.71
C LEU A 228 -20.36 20.75 14.43
N LEU A 229 -19.59 19.84 13.84
CA LEU A 229 -20.01 19.18 12.62
C LEU A 229 -21.02 18.05 12.89
N GLY A 230 -20.75 17.25 13.90
CA GLY A 230 -21.63 16.15 14.24
C GLY A 230 -21.71 15.10 13.15
N GLU A 231 -22.93 14.79 12.71
CA GLU A 231 -23.14 13.80 11.66
C GLU A 231 -22.73 14.37 10.30
N ARG A 232 -22.53 15.69 10.26
CA ARG A 232 -22.10 16.33 9.01
C ARG A 232 -20.59 16.25 8.87
N ALA A 233 -19.95 15.58 9.83
CA ALA A 233 -18.52 15.41 9.80
C ALA A 233 -18.19 14.50 8.60
N ALA A 234 -16.92 14.46 8.22
CA ALA A 234 -16.50 13.65 7.10
C ALA A 234 -15.02 13.31 7.24
N LEU A 235 -14.58 12.27 6.55
CA LEU A 235 -13.18 11.87 6.56
C LEU A 235 -12.46 12.82 5.60
N PHE A 236 -13.08 13.04 4.44
CA PHE A 236 -12.54 13.89 3.39
C PHE A 236 -13.47 15.06 3.08
N PHE A 237 -12.92 16.27 3.11
CA PHE A 237 -13.69 17.46 2.77
C PHE A 237 -13.01 18.08 1.56
N PHE A 238 -13.66 18.00 0.41
CA PHE A 238 -13.11 18.61 -0.80
C PHE A 238 -13.72 19.99 -0.91
N LEU A 239 -12.95 20.99 -0.53
CA LEU A 239 -13.41 22.36 -0.55
C LEU A 239 -13.51 22.93 -1.97
N MET A 240 -14.39 23.91 -2.12
CA MET A 240 -14.61 24.56 -3.41
C MET A 240 -14.85 26.05 -3.19
N LEU A 241 -13.81 26.75 -2.73
CA LEU A 241 -13.92 28.18 -2.46
C LEU A 241 -13.85 29.01 -3.74
N LEU A 245 -8.32 27.99 -4.76
CA LEU A 245 -9.74 28.11 -4.49
C LEU A 245 -10.41 26.75 -4.23
N ARG A 246 -9.79 25.67 -4.69
CA ARG A 246 -10.34 24.32 -4.49
C ARG A 246 -9.28 23.34 -3.98
N PHE A 247 -9.61 22.56 -2.95
CA PHE A 247 -8.67 21.60 -2.35
C PHE A 247 -9.31 20.76 -1.24
N PRO A 248 -8.64 19.67 -0.82
CA PRO A 248 -9.15 18.78 0.24
C PRO A 248 -8.66 19.04 1.67
N LEU A 249 -9.54 18.79 2.63
CA LEU A 249 -9.24 18.95 4.06
C LEU A 249 -9.61 17.63 4.71
N ARG A 250 -8.66 17.04 5.43
CA ARG A 250 -8.88 15.74 6.04
C ARG A 250 -8.92 15.64 7.56
N ALA A 251 -9.74 14.71 8.05
CA ALA A 251 -9.85 14.42 9.47
C ALA A 251 -8.74 13.38 9.63
N LEU A 252 -7.65 13.77 10.28
CA LEU A 252 -6.51 12.88 10.48
C LEU A 252 -6.74 11.74 11.46
N ASP A 253 -7.06 12.06 12.71
CA ASP A 253 -7.27 11.03 13.72
C ASP A 253 -8.71 10.92 14.20
N GLY A 254 -9.60 11.69 13.60
CA GLY A 254 -10.98 11.67 14.03
C GLY A 254 -11.10 12.17 15.46
N ARG A 255 -10.09 12.91 15.92
CA ARG A 255 -10.09 13.44 17.29
C ARG A 255 -9.48 14.82 17.44
N GLY A 256 -9.74 15.72 16.49
CA GLY A 256 -9.18 17.06 16.60
C GLY A 256 -8.07 17.39 15.63
N LEU A 257 -7.38 16.36 15.14
CA LEU A 257 -6.29 16.58 14.18
C LEU A 257 -6.77 16.53 12.75
N TYR A 258 -6.58 17.64 12.05
CA TYR A 258 -6.99 17.75 10.65
C TYR A 258 -5.80 18.15 9.79
N ARG A 259 -5.96 18.05 8.47
CA ARG A 259 -4.88 18.39 7.55
C ARG A 259 -5.44 19.03 6.29
N LEU A 260 -5.00 20.25 6.03
CA LEU A 260 -5.46 20.99 4.86
C LEU A 260 -4.39 20.89 3.77
N THR A 261 -4.79 20.49 2.58
CA THR A 261 -3.87 20.37 1.47
C THR A 261 -4.27 21.35 0.37
N VAL A 262 -3.40 22.34 0.13
CA VAL A 262 -3.68 23.32 -0.90
C VAL A 262 -2.59 23.36 -1.97
N GLY A 263 -3.01 23.31 -3.22
CA GLY A 263 -2.05 23.32 -4.32
C GLY A 263 -1.54 24.73 -4.60
N VAL A 264 -0.24 24.83 -4.88
CA VAL A 264 0.38 26.12 -5.17
C VAL A 264 0.91 26.14 -6.61
N ASP A 265 0.26 26.95 -7.46
CA ASP A 265 0.65 27.07 -8.86
C ASP A 265 -0.08 28.23 -9.51
N THR A 271 0.74 34.44 -1.19
CA THR A 271 0.51 33.24 -0.37
C THR A 271 -0.02 33.64 1.00
N MET A 272 -1.25 33.24 1.31
CA MET A 272 -1.87 33.57 2.59
C MET A 272 -1.16 32.93 3.77
N ASP A 273 -1.55 33.37 4.98
CA ASP A 273 -0.97 32.83 6.20
C ASP A 273 -1.61 31.47 6.46
N SER A 274 -0.84 30.56 7.05
CA SER A 274 -1.35 29.23 7.34
C SER A 274 -2.66 29.30 8.12
N PHE A 275 -2.65 30.10 9.19
CA PHE A 275 -3.84 30.24 10.02
C PHE A 275 -5.01 30.83 9.24
N GLU A 276 -4.74 31.80 8.39
CA GLU A 276 -5.80 32.43 7.61
C GLU A 276 -6.38 31.52 6.54
N LEU A 277 -5.60 30.52 6.14
CA LEU A 277 -6.07 29.57 5.13
C LEU A 277 -7.11 28.66 5.79
N VAL A 278 -6.73 28.05 6.91
CA VAL A 278 -7.63 27.18 7.65
C VAL A 278 -8.90 27.95 8.00
N ARG A 279 -8.73 29.14 8.58
CA ARG A 279 -9.86 29.98 8.96
C ARG A 279 -10.81 30.22 7.81
N ARG A 280 -10.27 30.35 6.61
CA ARG A 280 -11.12 30.61 5.46
C ARG A 280 -11.90 29.36 5.07
N ALA A 281 -11.26 28.21 5.20
CA ALA A 281 -11.90 26.94 4.85
C ALA A 281 -12.94 26.46 5.86
N VAL A 282 -12.85 26.94 7.10
CA VAL A 282 -13.78 26.56 8.16
C VAL A 282 -14.72 27.70 8.55
N ALA A 283 -16.01 27.52 8.26
CA ALA A 283 -17.01 28.54 8.56
C ALA A 283 -17.33 28.67 10.05
N PHE A 284 -16.68 27.85 10.88
CA PHE A 284 -16.91 27.89 12.31
C PHE A 284 -15.93 28.82 13.01
N ASP A 285 -16.34 29.34 14.16
CA ASP A 285 -15.52 30.24 14.97
C ASP A 285 -15.08 29.35 16.13
N THR A 286 -14.03 28.58 15.92
CA THR A 286 -13.56 27.66 16.95
C THR A 286 -12.04 27.64 17.09
N GLU A 287 -11.55 27.00 18.15
CA GLU A 287 -10.12 26.90 18.42
C GLU A 287 -9.40 26.24 17.24
N ILE A 288 -8.39 26.93 16.70
CA ILE A 288 -7.63 26.44 15.58
C ILE A 288 -6.15 26.71 15.78
N GLU A 289 -5.38 25.67 16.08
CA GLU A 289 -3.94 25.84 16.27
C GLU A 289 -3.13 25.07 15.22
N VAL A 290 -2.54 25.82 14.29
CA VAL A 290 -1.71 25.22 13.24
C VAL A 290 -0.50 24.61 13.92
N LEU A 291 -0.21 23.36 13.60
CA LEU A 291 0.94 22.68 14.20
C LEU A 291 2.12 22.56 13.25
N SER A 292 1.84 22.38 11.96
CA SER A 292 2.89 22.25 10.98
C SER A 292 2.42 22.76 9.62
N ASP A 293 3.34 23.32 8.86
CA ASP A 293 3.03 23.86 7.54
C ASP A 293 4.21 23.63 6.59
N SER A 294 4.30 22.41 6.06
CA SER A 294 5.37 22.04 5.15
C SER A 294 4.91 21.94 3.69
N GLU A 295 5.87 21.79 2.79
CA GLU A 295 5.58 21.71 1.37
C GLU A 295 5.87 20.30 0.86
N TRP A 296 5.10 19.88 -0.14
CA TRP A 296 5.27 18.55 -0.72
C TRP A 296 5.28 18.60 -2.24
N HIS A 297 6.34 18.08 -2.83
CA HIS A 297 6.50 18.04 -4.29
C HIS A 297 6.22 16.64 -4.79
N LEU A 298 5.11 16.45 -5.49
CA LEU A 298 4.78 15.14 -6.02
C LEU A 298 5.15 15.00 -7.48
N THR A 299 6.15 14.15 -7.78
CA THR A 299 6.57 13.94 -9.17
C THR A 299 6.40 12.47 -9.57
N HIS A 300 5.29 12.15 -10.23
CA HIS A 300 5.03 10.79 -10.67
C HIS A 300 6.27 10.23 -11.37
N ARG A 301 6.95 9.30 -10.71
CA ARG A 301 8.16 8.72 -11.26
C ARG A 301 8.26 7.21 -11.07
N VAL A 302 8.79 6.53 -12.08
CA VAL A 302 8.97 5.08 -12.00
C VAL A 302 10.38 4.74 -12.50
N ALA A 303 11.17 4.08 -11.65
CA ALA A 303 12.52 3.69 -11.98
C ALA A 303 12.56 2.84 -13.23
N ASP A 304 13.51 3.13 -14.12
CA ASP A 304 13.64 2.34 -15.35
C ASP A 304 13.95 0.90 -14.97
N SER A 305 14.60 0.72 -13.82
CA SER A 305 14.96 -0.61 -13.36
C SER A 305 14.74 -0.69 -11.85
N PHE A 306 14.29 -1.84 -11.36
CA PHE A 306 14.02 -2.00 -9.93
C PHE A 306 15.15 -2.65 -9.13
N SER A 307 16.28 -2.88 -9.78
CA SER A 307 17.44 -3.48 -9.11
C SER A 307 18.68 -3.49 -9.99
N ALA A 308 19.84 -3.58 -9.34
CA ALA A 308 21.14 -3.65 -9.98
C ALA A 308 21.96 -4.62 -9.12
N GLY A 309 22.26 -5.80 -9.67
CA GLY A 309 23.02 -6.77 -8.90
C GLY A 309 22.24 -7.21 -7.65
N ARG A 310 22.85 -7.05 -6.49
CA ARG A 310 22.22 -7.43 -5.22
C ARG A 310 21.55 -6.27 -4.48
N VAL A 311 21.31 -5.17 -5.19
CA VAL A 311 20.67 -4.01 -4.61
C VAL A 311 19.30 -3.82 -5.24
N PHE A 312 18.26 -3.74 -4.41
CA PHE A 312 16.92 -3.57 -4.89
C PHE A 312 16.25 -2.26 -4.48
N LEU A 313 15.21 -1.89 -5.23
CA LEU A 313 14.48 -0.66 -4.95
C LEU A 313 13.02 -1.03 -4.71
N THR A 314 12.46 -0.53 -3.62
CA THR A 314 11.05 -0.81 -3.32
C THR A 314 10.36 0.43 -2.76
N GLY A 315 9.05 0.49 -2.92
CA GLY A 315 8.31 1.64 -2.44
C GLY A 315 8.49 2.82 -3.37
N ASP A 316 8.43 4.02 -2.81
CA ASP A 316 8.57 5.23 -3.60
C ASP A 316 9.90 5.27 -4.36
N ALA A 317 10.93 4.66 -3.77
CA ALA A 317 12.24 4.60 -4.41
C ALA A 317 12.14 3.99 -5.81
N ALA A 318 11.25 3.01 -5.95
CA ALA A 318 11.04 2.34 -7.22
C ALA A 318 9.91 2.95 -8.05
N HIS A 319 8.89 3.47 -7.38
CA HIS A 319 7.75 4.08 -8.04
C HIS A 319 7.00 5.04 -7.13
N THR A 320 6.96 6.30 -7.56
CA THR A 320 6.25 7.33 -6.83
C THR A 320 5.00 7.60 -7.65
N LEU A 321 3.84 7.39 -7.04
CA LEU A 321 2.57 7.58 -7.71
C LEU A 321 1.75 8.63 -6.97
N SER A 322 0.62 9.03 -7.54
CA SER A 322 -0.21 10.03 -6.89
C SER A 322 -0.98 9.35 -5.75
N PRO A 323 -1.19 10.08 -4.64
CA PRO A 323 -1.91 9.60 -3.46
C PRO A 323 -3.40 9.35 -3.62
N SER A 324 -4.00 9.81 -4.72
CA SER A 324 -5.42 9.60 -4.95
C SER A 324 -5.75 8.12 -4.75
N GLY A 325 -6.72 7.85 -3.89
CA GLY A 325 -7.10 6.48 -3.61
C GLY A 325 -6.08 5.79 -2.73
N GLY A 326 -5.19 6.57 -2.10
CA GLY A 326 -4.15 6.02 -1.25
C GLY A 326 -3.29 5.04 -2.04
N PHE A 327 -3.47 5.07 -3.36
CA PHE A 327 -2.78 4.19 -4.29
C PHE A 327 -1.25 4.10 -4.14
N GLY A 328 -0.62 5.21 -3.78
CA GLY A 328 0.82 5.24 -3.62
C GLY A 328 1.43 4.29 -2.61
N MET A 329 1.13 4.51 -1.33
CA MET A 329 1.67 3.66 -0.28
C MET A 329 1.18 2.21 -0.39
N ASN A 330 -0.05 2.00 -0.83
CA ASN A 330 -0.56 0.64 -0.95
C ASN A 330 0.18 -0.18 -1.99
N THR A 331 0.65 0.49 -3.04
CA THR A 331 1.39 -0.17 -4.11
C THR A 331 2.78 -0.54 -3.59
N GLY A 332 3.34 0.34 -2.77
CA GLY A 332 4.65 0.10 -2.17
C GLY A 332 4.61 -1.12 -1.27
N ILE A 333 3.58 -1.21 -0.44
CA ILE A 333 3.40 -2.34 0.48
C ILE A 333 3.23 -3.63 -0.32
N GLY A 334 2.47 -3.57 -1.41
CA GLY A 334 2.27 -4.74 -2.26
C GLY A 334 3.55 -5.16 -2.96
N SER A 335 4.39 -4.18 -3.32
CA SER A 335 5.65 -4.47 -3.98
C SER A 335 6.63 -5.04 -2.94
N ALA A 336 6.52 -4.56 -1.70
CA ALA A 336 7.36 -5.05 -0.63
C ALA A 336 7.04 -6.52 -0.37
N ALA A 337 5.77 -6.87 -0.46
CA ALA A 337 5.33 -8.24 -0.21
C ALA A 337 5.79 -9.17 -1.33
N ASP A 338 5.88 -8.62 -2.53
CA ASP A 338 6.31 -9.41 -3.68
C ASP A 338 7.80 -9.70 -3.60
N LEU A 339 8.59 -8.68 -3.27
CA LEU A 339 10.04 -8.86 -3.21
C LEU A 339 10.37 -9.78 -2.02
N GLY A 340 9.64 -9.61 -0.93
CA GLY A 340 9.83 -10.42 0.26
C GLY A 340 9.90 -11.92 0.00
N TRP A 341 8.90 -12.49 -0.65
CA TRP A 341 8.93 -13.94 -0.90
C TRP A 341 9.97 -14.38 -1.94
N LYS A 342 10.23 -13.53 -2.93
CA LYS A 342 11.20 -13.88 -3.94
C LYS A 342 12.59 -13.86 -3.31
N LEU A 343 12.80 -12.97 -2.35
CA LEU A 343 14.08 -12.91 -1.65
C LEU A 343 14.25 -14.16 -0.77
N ALA A 344 13.22 -14.48 0.01
CA ALA A 344 13.25 -15.63 0.89
C ALA A 344 13.53 -16.92 0.12
N ALA A 345 12.86 -17.09 -1.01
CA ALA A 345 13.03 -18.27 -1.84
C ALA A 345 14.46 -18.41 -2.37
N THR A 346 15.09 -17.28 -2.68
CA THR A 346 16.45 -17.30 -3.21
C THR A 346 17.45 -17.56 -2.10
N LEU A 347 17.20 -16.98 -0.94
CA LEU A 347 18.07 -17.17 0.22
C LEU A 347 17.98 -18.62 0.68
N ARG A 348 16.78 -19.19 0.58
CA ARG A 348 16.55 -20.58 0.97
C ARG A 348 17.20 -21.52 -0.04
N GLY A 349 17.24 -21.10 -1.30
CA GLY A 349 17.86 -21.93 -2.30
C GLY A 349 16.93 -22.66 -3.24
N TRP A 350 15.62 -22.56 -3.04
CA TRP A 350 14.72 -23.26 -3.96
C TRP A 350 14.28 -22.43 -5.15
N ALA A 351 14.59 -21.14 -5.14
CA ALA A 351 14.21 -20.27 -6.25
C ALA A 351 15.15 -20.48 -7.44
N GLY A 352 14.61 -20.28 -8.64
CA GLY A 352 15.44 -20.38 -9.83
C GLY A 352 16.30 -19.14 -9.87
N PRO A 353 17.35 -19.12 -10.71
CA PRO A 353 18.21 -17.93 -10.79
C PRO A 353 17.49 -16.69 -11.33
N GLY A 354 16.38 -16.91 -12.03
CA GLY A 354 15.63 -15.78 -12.57
C GLY A 354 14.43 -15.31 -11.77
N LEU A 355 14.25 -15.78 -10.53
CA LEU A 355 13.08 -15.35 -9.76
C LEU A 355 13.14 -13.89 -9.34
N LEU A 356 14.28 -13.43 -8.85
CA LEU A 356 14.38 -12.05 -8.41
C LEU A 356 14.11 -11.05 -9.54
N ALA A 357 14.41 -11.42 -10.77
CA ALA A 357 14.17 -10.52 -11.89
C ALA A 357 12.67 -10.34 -12.11
N THR A 358 11.87 -11.34 -11.71
CA THR A 358 10.42 -11.24 -11.89
C THR A 358 9.77 -10.21 -10.94
N TYR A 359 10.54 -9.69 -10.01
CA TYR A 359 10.01 -8.68 -9.10
C TYR A 359 9.73 -7.44 -9.97
N GLU A 360 10.72 -7.05 -10.78
CA GLU A 360 10.54 -5.92 -11.68
C GLU A 360 9.51 -6.33 -12.73
N GLU A 361 9.65 -7.53 -13.28
CA GLU A 361 8.74 -8.01 -14.32
C GLU A 361 7.26 -7.87 -13.94
N GLU A 362 6.92 -8.23 -12.70
CA GLU A 362 5.53 -8.18 -12.27
C GLU A 362 5.09 -6.89 -11.61
N ARG A 363 5.96 -6.25 -10.85
CA ARG A 363 5.60 -5.02 -10.14
C ARG A 363 5.75 -3.71 -10.94
N ARG A 364 6.69 -3.64 -11.88
CA ARG A 364 6.84 -2.39 -12.63
C ARG A 364 5.58 -2.14 -13.46
N PRO A 365 5.10 -3.14 -14.21
CA PRO A 365 3.88 -2.90 -15.00
C PRO A 365 2.74 -2.41 -14.11
N VAL A 366 2.71 -2.86 -12.85
CA VAL A 366 1.66 -2.43 -11.94
C VAL A 366 1.80 -0.93 -11.70
N ALA A 367 3.04 -0.45 -11.69
CA ALA A 367 3.31 0.97 -11.49
C ALA A 367 3.11 1.73 -12.80
N ILE A 368 3.74 1.26 -13.87
CA ILE A 368 3.65 1.90 -15.19
C ILE A 368 2.23 2.27 -15.56
N THR A 369 1.28 1.40 -15.25
CA THR A 369 -0.12 1.67 -15.57
C THR A 369 -0.79 2.32 -14.36
N SER A 370 -0.89 1.56 -13.29
CA SER A 370 -1.53 1.99 -12.06
C SER A 370 -1.19 3.39 -11.56
N LEU A 371 -0.08 3.95 -12.02
CA LEU A 371 0.28 5.31 -11.63
C LEU A 371 -0.68 6.25 -12.39
N GLU A 372 -1.21 5.74 -13.49
CA GLU A 372 -2.13 6.50 -14.34
C GLU A 372 -3.52 6.63 -13.75
N GLU A 373 -3.96 5.61 -13.01
CA GLU A 373 -5.28 5.64 -12.39
C GLU A 373 -5.34 6.73 -11.32
N ALA A 374 -4.28 6.85 -10.54
CA ALA A 374 -4.22 7.87 -9.50
C ALA A 374 -4.25 9.25 -10.16
N ASN A 375 -3.49 9.38 -11.25
CA ASN A 375 -3.41 10.63 -11.99
C ASN A 375 -4.79 11.06 -12.51
N VAL A 376 -5.59 10.08 -12.94
CA VAL A 376 -6.92 10.39 -13.44
C VAL A 376 -7.75 11.05 -12.33
N ASN A 377 -7.63 10.54 -11.11
CA ASN A 377 -8.37 11.10 -9.97
C ASN A 377 -7.89 12.51 -9.65
N LEU A 378 -6.60 12.74 -9.79
CA LEU A 378 -6.03 14.06 -9.51
C LEU A 378 -6.52 15.04 -10.59
N ARG A 379 -6.52 14.58 -11.84
CA ARG A 379 -6.96 15.38 -12.98
C ARG A 379 -8.42 15.83 -12.84
N ARG A 380 -9.30 14.89 -12.48
CA ARG A 380 -10.71 15.19 -12.32
C ARG A 380 -10.96 16.35 -11.36
N THR A 381 -10.15 16.43 -10.30
CA THR A 381 -10.31 17.51 -9.32
C THR A 381 -9.54 18.75 -9.78
N MET A 382 -8.46 18.55 -10.52
CA MET A 382 -7.65 19.66 -11.03
C MET A 382 -8.35 20.35 -12.19
N ASP A 383 -9.27 19.66 -12.84
CA ASP A 383 -10.00 20.20 -13.98
C ASP A 383 -11.39 20.76 -13.65
N ARG A 384 -11.96 20.35 -12.52
CA ARG A 384 -13.28 20.83 -12.15
C ARG A 384 -13.30 22.33 -11.88
N GLU A 385 -14.25 23.03 -12.51
CA GLU A 385 -14.39 24.48 -12.35
C GLU A 385 -15.61 24.80 -11.48
N LEU A 386 -15.61 26.00 -10.89
CA LEU A 386 -16.71 26.43 -10.03
C LEU A 386 -17.49 27.61 -10.60
N PRO A 387 -18.83 27.47 -10.69
CA PRO A 387 -19.73 28.51 -11.22
C PRO A 387 -20.05 29.62 -10.21
N PRO A 388 -20.74 30.69 -10.67
CA PRO A 388 -21.12 31.83 -9.83
C PRO A 388 -22.39 31.61 -9.03
N GLY A 389 -22.39 32.06 -7.78
CA GLY A 389 -23.56 31.90 -6.94
C GLY A 389 -23.63 30.57 -6.22
N LEU A 390 -22.49 29.90 -6.12
CA LEU A 390 -22.42 28.60 -5.46
C LEU A 390 -22.46 28.74 -3.94
N HIS A 391 -22.17 29.95 -3.45
CA HIS A 391 -22.16 30.22 -2.01
C HIS A 391 -23.45 30.89 -1.55
N ASP A 392 -24.32 31.21 -2.49
CA ASP A 392 -25.59 31.87 -2.19
C ASP A 392 -26.48 31.08 -1.24
N ASP A 393 -27.35 31.80 -0.53
CA ASP A 393 -28.27 31.20 0.42
C ASP A 393 -29.67 31.04 -0.16
N GLY A 394 -29.96 31.79 -1.22
CA GLY A 394 -31.26 31.71 -1.85
C GLY A 394 -31.49 30.36 -2.51
N PRO A 395 -32.75 30.01 -2.82
CA PRO A 395 -33.04 28.72 -3.46
C PRO A 395 -32.27 28.57 -4.77
N ARG A 396 -31.66 29.66 -5.22
CA ARG A 396 -30.89 29.67 -6.46
C ARG A 396 -29.55 28.95 -6.30
N GLY A 397 -28.81 29.33 -5.25
CA GLY A 397 -27.52 28.71 -4.99
C GLY A 397 -27.71 27.24 -4.66
N GLU A 398 -28.78 26.94 -3.95
CA GLU A 398 -29.11 25.57 -3.58
C GLU A 398 -29.40 24.80 -4.85
N ARG A 399 -29.83 25.51 -5.87
CA ARG A 399 -30.14 24.90 -7.16
C ARG A 399 -28.86 24.71 -7.97
N ILE A 400 -27.98 25.71 -7.93
CA ILE A 400 -26.73 25.63 -8.67
C ILE A 400 -25.80 24.60 -8.02
N ARG A 401 -25.94 24.42 -6.71
CA ARG A 401 -25.11 23.45 -6.00
C ARG A 401 -25.57 22.06 -6.40
N ALA A 402 -26.89 21.90 -6.53
CA ALA A 402 -27.46 20.62 -6.92
C ALA A 402 -27.05 20.33 -8.36
N ALA A 403 -26.72 21.39 -9.09
CA ALA A 403 -26.30 21.27 -10.48
C ALA A 403 -24.89 20.71 -10.52
N VAL A 404 -24.01 21.28 -9.71
CA VAL A 404 -22.62 20.83 -9.64
C VAL A 404 -22.60 19.41 -9.09
N ALA A 405 -23.54 19.11 -8.21
CA ALA A 405 -23.63 17.78 -7.61
C ALA A 405 -23.87 16.74 -8.71
N GLU A 406 -24.80 17.03 -9.60
CA GLU A 406 -25.13 16.13 -10.71
C GLU A 406 -23.90 15.92 -11.58
N LYS A 407 -23.24 17.02 -11.93
CA LYS A 407 -22.04 16.95 -12.76
C LYS A 407 -21.02 16.06 -12.06
N LEU A 408 -20.78 16.35 -10.78
CA LEU A 408 -19.83 15.59 -9.96
C LEU A 408 -20.07 14.09 -10.04
N GLU A 409 -21.32 13.68 -9.82
CA GLU A 409 -21.66 12.27 -9.87
C GLU A 409 -21.41 11.70 -11.27
N ARG A 410 -21.73 12.49 -12.29
CA ARG A 410 -21.54 12.07 -13.67
C ARG A 410 -20.07 11.89 -14.02
N SER A 411 -19.23 12.78 -13.50
CA SER A 411 -17.80 12.71 -13.77
C SER A 411 -17.17 11.52 -13.04
N GLY A 412 -18.01 10.74 -12.37
CA GLY A 412 -17.55 9.57 -11.64
C GLY A 412 -16.60 9.92 -10.50
N ALA A 413 -16.97 10.91 -9.71
CA ALA A 413 -16.13 11.33 -8.59
C ALA A 413 -16.17 10.32 -7.44
N ARG A 414 -17.23 9.54 -7.36
CA ARG A 414 -17.36 8.55 -6.30
C ARG A 414 -16.54 7.30 -6.61
N ARG A 415 -15.76 7.37 -7.68
CA ARG A 415 -14.92 6.27 -8.10
C ARG A 415 -13.57 6.33 -7.38
N GLU A 416 -13.21 7.52 -6.92
CA GLU A 416 -11.96 7.71 -6.21
C GLU A 416 -12.11 7.21 -4.76
N PHE A 417 -13.33 6.85 -4.40
CA PHE A 417 -13.63 6.37 -3.05
C PHE A 417 -14.28 5.00 -3.05
N ASP A 418 -14.33 4.39 -4.23
CA ASP A 418 -14.91 3.06 -4.38
C ASP A 418 -14.46 2.43 -5.69
N ALA A 419 -13.37 1.68 -5.61
CA ALA A 419 -12.81 1.02 -6.78
C ALA A 419 -12.10 -0.26 -6.33
N PRO A 420 -12.88 -1.29 -5.97
CA PRO A 420 -12.30 -2.56 -5.53
C PRO A 420 -11.31 -3.13 -6.53
N GLY A 421 -11.62 -3.00 -7.82
CA GLY A 421 -10.72 -3.50 -8.84
C GLY A 421 -9.34 -2.90 -8.73
N ILE A 422 -9.27 -1.63 -8.37
CA ILE A 422 -7.98 -0.96 -8.22
C ILE A 422 -7.15 -1.55 -7.07
N HIS A 423 -7.83 -2.01 -6.02
CA HIS A 423 -7.13 -2.59 -4.88
C HIS A 423 -6.81 -4.06 -5.10
N PHE A 424 -7.71 -4.77 -5.76
CA PHE A 424 -7.58 -6.21 -5.95
C PHE A 424 -7.46 -6.77 -7.35
N GLY A 425 -7.79 -5.97 -8.36
CA GLY A 425 -7.75 -6.46 -9.75
C GLY A 425 -6.45 -6.69 -10.48
N HIS A 426 -5.31 -6.24 -9.97
CA HIS A 426 -4.05 -6.46 -10.69
C HIS A 426 -3.78 -7.93 -10.96
N THR A 427 -3.63 -8.28 -12.22
CA THR A 427 -3.35 -9.66 -12.62
C THR A 427 -1.97 -9.73 -13.27
N TYR A 428 -1.10 -10.60 -12.76
CA TYR A 428 0.24 -10.73 -13.34
C TYR A 428 0.22 -11.62 -14.59
N ARG A 429 0.92 -11.18 -15.63
CA ARG A 429 1.04 -11.95 -16.86
C ARG A 429 2.55 -11.97 -17.04
N SER A 430 3.20 -12.93 -16.39
CA SER A 430 4.64 -12.98 -16.43
C SER A 430 5.18 -14.34 -16.79
N SER A 431 6.50 -14.43 -16.78
CA SER A 431 7.23 -15.64 -17.09
C SER A 431 7.04 -16.75 -16.05
N ILE A 432 6.53 -16.41 -14.87
CA ILE A 432 6.34 -17.45 -13.84
C ILE A 432 4.88 -17.78 -13.57
N VAL A 433 4.00 -17.28 -14.44
CA VAL A 433 2.57 -17.52 -14.33
C VAL A 433 2.09 -18.25 -15.60
N CYS A 434 1.22 -19.24 -15.41
CA CYS A 434 0.68 -20.00 -16.53
C CYS A 434 -0.66 -19.46 -16.99
N GLY A 435 -0.63 -18.48 -17.89
CA GLY A 435 -1.87 -17.90 -18.38
C GLY A 435 -2.79 -18.94 -19.00
N GLU A 436 -4.07 -18.60 -19.12
CA GLU A 436 -5.05 -19.51 -19.72
C GLU A 436 -5.84 -18.86 -20.86
N TRP A 446 -15.74 -5.25 -11.88
CA TRP A 446 -14.76 -6.18 -11.36
C TRP A 446 -15.38 -7.22 -10.43
N ARG A 447 -14.95 -8.47 -10.61
CA ARG A 447 -15.41 -9.57 -9.78
C ARG A 447 -14.24 -10.47 -9.42
N PRO A 448 -14.19 -10.94 -8.17
CA PRO A 448 -13.12 -11.82 -7.71
C PRO A 448 -12.91 -12.93 -8.73
N SER A 449 -11.66 -13.25 -9.01
CA SER A 449 -11.34 -14.29 -9.97
C SER A 449 -10.06 -15.01 -9.58
N ALA A 450 -10.02 -16.31 -9.86
CA ALA A 450 -8.86 -17.13 -9.55
C ALA A 450 -8.06 -17.39 -10.82
N ARG A 451 -8.23 -16.55 -11.84
CA ARG A 451 -7.49 -16.72 -13.08
C ARG A 451 -6.01 -16.54 -12.78
N PRO A 452 -5.15 -17.31 -13.47
CA PRO A 452 -3.71 -17.21 -13.25
C PRO A 452 -3.23 -15.76 -13.17
N GLY A 453 -2.39 -15.47 -12.19
CA GLY A 453 -1.85 -14.13 -12.05
C GLY A 453 -2.61 -13.20 -11.12
N ALA A 454 -3.90 -13.49 -10.93
CA ALA A 454 -4.74 -12.68 -10.05
C ALA A 454 -4.67 -13.14 -8.58
N ARG A 455 -5.13 -12.27 -7.69
CA ARG A 455 -5.16 -12.55 -6.26
C ARG A 455 -6.20 -13.64 -6.01
N ALA A 456 -5.79 -14.75 -5.41
CA ALA A 456 -6.73 -15.85 -5.11
C ALA A 456 -7.83 -15.22 -4.27
N PRO A 457 -9.09 -15.41 -4.67
CA PRO A 457 -10.21 -14.83 -3.95
C PRO A 457 -10.50 -15.29 -2.53
N HIS A 458 -11.07 -14.35 -1.77
CA HIS A 458 -11.43 -14.56 -0.38
C HIS A 458 -12.79 -15.24 -0.27
N ALA A 459 -12.89 -16.17 0.68
CA ALA A 459 -14.10 -16.91 1.00
C ALA A 459 -13.88 -17.36 2.43
N TRP A 460 -14.95 -17.40 3.23
CA TRP A 460 -14.80 -17.80 4.62
C TRP A 460 -14.79 -19.31 4.80
N LEU A 461 -13.75 -19.81 5.46
CA LEU A 461 -13.65 -21.22 5.77
C LEU A 461 -14.45 -21.39 7.05
N THR A 462 -14.20 -20.51 8.00
CA THR A 462 -14.90 -20.48 9.27
C THR A 462 -15.16 -18.99 9.51
N PRO A 463 -15.97 -18.65 10.52
CA PRO A 463 -16.25 -17.24 10.79
C PRO A 463 -15.01 -16.40 11.09
N THR A 464 -13.86 -17.07 11.24
CA THR A 464 -12.62 -16.37 11.53
C THR A 464 -11.49 -16.71 10.57
N THR A 465 -11.71 -17.68 9.70
CA THR A 465 -10.65 -18.06 8.78
C THR A 465 -11.02 -17.95 7.30
N SER A 466 -10.27 -17.12 6.59
CA SER A 466 -10.48 -16.89 5.17
C SER A 466 -9.55 -17.76 4.34
N THR A 467 -9.89 -17.93 3.07
CA THR A 467 -9.05 -18.68 2.15
C THR A 467 -7.68 -18.00 2.14
N LEU A 468 -7.69 -16.69 2.39
CA LEU A 468 -6.48 -15.89 2.41
C LEU A 468 -5.53 -16.28 3.54
N ASP A 469 -6.08 -16.78 4.64
CA ASP A 469 -5.25 -17.18 5.76
C ASP A 469 -4.43 -18.43 5.43
N LEU A 470 -4.73 -19.07 4.30
CA LEU A 470 -3.98 -20.26 3.90
C LEU A 470 -2.71 -19.89 3.14
N PHE A 471 -2.70 -18.68 2.57
CA PHE A 471 -1.57 -18.21 1.78
C PHE A 471 -0.61 -17.34 2.56
N GLY A 472 0.60 -17.16 2.04
CA GLY A 472 1.56 -16.32 2.72
C GLY A 472 2.85 -17.03 3.11
N ARG A 473 2.87 -18.36 3.06
CA ARG A 473 4.08 -19.11 3.39
C ARG A 473 4.71 -19.60 2.09
N GLY A 474 4.48 -20.86 1.76
CA GLY A 474 4.99 -21.41 0.52
C GLY A 474 3.83 -21.52 -0.45
N PHE A 475 3.97 -22.36 -1.47
CA PHE A 475 2.91 -22.56 -2.45
C PHE A 475 1.79 -23.35 -1.82
N VAL A 476 0.57 -23.14 -2.30
CA VAL A 476 -0.57 -23.87 -1.80
C VAL A 476 -1.37 -24.44 -2.97
N LEU A 477 -1.67 -25.73 -2.91
CA LEU A 477 -2.48 -26.35 -3.94
C LEU A 477 -3.85 -26.64 -3.32
N LEU A 478 -4.88 -26.00 -3.86
CA LEU A 478 -6.25 -26.21 -3.39
C LEU A 478 -6.93 -27.17 -4.34
N SER A 479 -7.45 -28.26 -3.81
CA SER A 479 -8.15 -29.25 -4.62
C SER A 479 -9.61 -29.31 -4.18
N PHE A 480 -10.52 -29.09 -5.13
CA PHE A 480 -11.94 -29.14 -4.83
C PHE A 480 -12.48 -30.47 -5.34
N GLY A 481 -12.67 -31.41 -4.42
CA GLY A 481 -13.16 -32.72 -4.81
C GLY A 481 -12.01 -33.68 -5.02
N THR A 482 -11.89 -34.20 -6.24
CA THR A 482 -10.84 -35.15 -6.58
C THR A 482 -9.43 -34.80 -6.09
N THR A 483 -8.81 -35.74 -5.39
CA THR A 483 -7.45 -35.56 -4.88
C THR A 483 -6.55 -36.44 -5.74
N ASP A 484 -7.11 -36.89 -6.86
CA ASP A 484 -6.38 -37.74 -7.78
C ASP A 484 -5.28 -36.94 -8.47
N GLY A 485 -4.04 -37.38 -8.30
CA GLY A 485 -2.91 -36.69 -8.92
C GLY A 485 -2.15 -35.75 -8.01
N VAL A 486 -2.67 -35.52 -6.81
CA VAL A 486 -2.03 -34.61 -5.87
C VAL A 486 -0.68 -35.11 -5.35
N GLU A 487 -0.58 -36.41 -5.11
CA GLU A 487 0.69 -36.96 -4.62
C GLU A 487 1.81 -36.71 -5.62
N ALA A 488 1.47 -36.65 -6.90
CA ALA A 488 2.48 -36.41 -7.94
C ALA A 488 3.02 -34.99 -7.79
N VAL A 489 2.12 -34.03 -7.56
CA VAL A 489 2.51 -32.64 -7.40
C VAL A 489 3.44 -32.49 -6.19
N THR A 490 3.05 -33.10 -5.07
CA THR A 490 3.83 -33.03 -3.86
C THR A 490 5.27 -33.49 -4.08
N ARG A 491 5.44 -34.61 -4.78
CA ARG A 491 6.76 -35.13 -5.06
C ARG A 491 7.57 -34.23 -5.98
N ALA A 492 6.89 -33.66 -6.97
CA ALA A 492 7.54 -32.75 -7.92
C ALA A 492 8.09 -31.52 -7.19
N PHE A 493 7.33 -30.97 -6.25
CA PHE A 493 7.79 -29.81 -5.49
C PHE A 493 8.91 -30.22 -4.55
N ALA A 494 8.77 -31.39 -3.93
CA ALA A 494 9.78 -31.89 -3.01
C ALA A 494 11.11 -32.14 -3.76
N ASP A 495 11.02 -32.64 -4.99
CA ASP A 495 12.23 -32.91 -5.78
C ASP A 495 13.02 -31.64 -6.06
N ARG A 496 12.38 -30.49 -5.87
CA ARG A 496 13.03 -29.21 -6.10
C ARG A 496 13.18 -28.46 -4.78
N HIS A 497 12.62 -29.04 -3.71
CA HIS A 497 12.66 -28.46 -2.37
C HIS A 497 11.83 -27.18 -2.28
N VAL A 498 10.80 -27.10 -3.11
CA VAL A 498 9.90 -25.96 -3.14
C VAL A 498 8.76 -26.20 -2.16
N PRO A 499 8.67 -25.39 -1.09
CA PRO A 499 7.59 -25.59 -0.12
C PRO A 499 6.19 -25.60 -0.72
N LEU A 500 5.46 -26.67 -0.43
CA LEU A 500 4.10 -26.84 -0.90
C LEU A 500 3.21 -27.42 0.18
N GLU A 501 2.02 -26.85 0.31
CA GLU A 501 1.03 -27.33 1.26
C GLU A 501 -0.19 -27.64 0.43
N THR A 502 -0.75 -28.83 0.64
CA THR A 502 -1.93 -29.24 -0.09
C THR A 502 -3.16 -29.17 0.79
N VAL A 503 -4.23 -28.61 0.24
CA VAL A 503 -5.48 -28.46 0.97
C VAL A 503 -6.65 -28.95 0.15
N THR A 504 -7.38 -29.90 0.72
CA THR A 504 -8.55 -30.48 0.06
C THR A 504 -9.78 -29.75 0.59
N CYS A 505 -10.55 -29.16 -0.32
CA CYS A 505 -11.72 -28.42 0.09
C CYS A 505 -13.01 -29.00 -0.47
N HIS A 506 -13.95 -29.30 0.42
CA HIS A 506 -15.24 -29.84 0.03
C HIS A 506 -16.34 -28.81 0.27
N ALA A 507 -16.25 -27.69 -0.45
CA ALA A 507 -17.23 -26.62 -0.34
C ALA A 507 -17.55 -26.17 -1.77
N PRO A 508 -18.77 -26.47 -2.25
CA PRO A 508 -19.19 -26.09 -3.60
C PRO A 508 -19.16 -24.61 -3.89
N GLU A 509 -19.63 -23.80 -2.94
CA GLU A 509 -19.65 -22.35 -3.10
C GLU A 509 -18.26 -21.81 -3.45
N ILE A 510 -17.25 -22.33 -2.76
CA ILE A 510 -15.88 -21.90 -2.98
C ILE A 510 -15.31 -22.50 -4.28
N HIS A 511 -15.74 -23.71 -4.61
CA HIS A 511 -15.30 -24.37 -5.83
C HIS A 511 -15.86 -23.58 -7.01
N ALA A 512 -17.10 -23.10 -6.85
CA ALA A 512 -17.76 -22.32 -7.89
C ALA A 512 -16.99 -21.02 -8.06
N LEU A 513 -16.59 -20.45 -6.93
CA LEU A 513 -15.84 -19.21 -6.92
C LEU A 513 -14.52 -19.34 -7.66
N TYR A 514 -13.78 -20.41 -7.35
CA TYR A 514 -12.47 -20.63 -7.99
C TYR A 514 -12.55 -21.20 -9.41
N GLU A 515 -13.71 -21.73 -9.79
CA GLU A 515 -13.98 -22.27 -11.13
C GLU A 515 -13.22 -23.49 -11.64
N ARG A 516 -12.30 -24.05 -10.87
CA ARG A 516 -11.55 -25.23 -11.34
C ARG A 516 -11.28 -26.20 -10.19
N ALA A 517 -10.99 -27.44 -10.54
CA ALA A 517 -10.72 -28.50 -9.58
C ALA A 517 -9.42 -28.33 -8.80
N HIS A 518 -8.40 -27.82 -9.47
CA HIS A 518 -7.11 -27.61 -8.82
C HIS A 518 -6.63 -26.18 -9.05
N VAL A 519 -6.17 -25.53 -7.99
CA VAL A 519 -5.67 -24.17 -8.08
C VAL A 519 -4.34 -24.04 -7.33
N LEU A 520 -3.27 -23.70 -8.04
CA LEU A 520 -1.96 -23.55 -7.44
C LEU A 520 -1.73 -22.09 -7.08
N VAL A 521 -1.60 -21.82 -5.79
CA VAL A 521 -1.40 -20.46 -5.33
C VAL A 521 0.04 -20.21 -4.90
N ARG A 522 0.58 -19.06 -5.29
CA ARG A 522 1.95 -18.67 -4.94
C ARG A 522 2.09 -18.15 -3.51
N PRO A 523 3.33 -18.05 -3.02
CA PRO A 523 3.60 -17.57 -1.67
C PRO A 523 3.02 -16.18 -1.43
N ASP A 524 2.67 -15.45 -2.50
CA ASP A 524 2.12 -14.11 -2.33
C ASP A 524 0.60 -14.06 -2.36
N GLY A 525 -0.05 -15.20 -2.57
CA GLY A 525 -1.51 -15.20 -2.60
C GLY A 525 -2.09 -15.08 -4.00
N HIS A 526 -1.23 -15.01 -5.01
CA HIS A 526 -1.70 -14.92 -6.38
C HIS A 526 -1.65 -16.31 -7.03
N VAL A 527 -2.58 -16.55 -7.95
CA VAL A 527 -2.66 -17.82 -8.65
C VAL A 527 -1.57 -17.96 -9.72
N ALA A 528 -0.86 -19.08 -9.70
CA ALA A 528 0.20 -19.35 -10.66
C ALA A 528 -0.34 -20.24 -11.76
N TRP A 529 -1.33 -21.07 -11.40
CA TRP A 529 -1.91 -22.00 -12.34
C TRP A 529 -3.18 -22.60 -11.78
N ARG A 530 -4.08 -23.02 -12.66
CA ARG A 530 -5.32 -23.67 -12.26
C ARG A 530 -5.78 -24.59 -13.38
N GLY A 531 -6.73 -25.46 -13.08
CA GLY A 531 -7.23 -26.37 -14.09
C GLY A 531 -7.93 -27.57 -13.49
N ASP A 532 -8.76 -28.23 -14.27
CA ASP A 532 -9.47 -29.41 -13.81
C ASP A 532 -8.58 -30.64 -13.88
N HIS A 533 -7.44 -30.50 -14.53
CA HIS A 533 -6.50 -31.61 -14.64
C HIS A 533 -5.06 -31.15 -14.50
N LEU A 534 -4.35 -31.76 -13.54
CA LEU A 534 -2.94 -31.41 -13.33
C LEU A 534 -2.20 -31.65 -14.64
N PRO A 535 -1.22 -30.79 -14.95
CA PRO A 535 -0.46 -30.95 -16.19
C PRO A 535 0.38 -32.23 -16.17
N ALA A 536 0.79 -32.68 -17.35
CA ALA A 536 1.59 -33.89 -17.49
C ALA A 536 3.03 -33.71 -16.98
N GLU A 537 3.68 -32.62 -17.40
CA GLU A 537 5.05 -32.38 -16.97
C GLU A 537 5.10 -31.45 -15.76
N LEU A 538 5.02 -32.05 -14.58
CA LEU A 538 5.05 -31.32 -13.32
C LEU A 538 6.39 -30.63 -13.12
N GLY A 539 7.46 -31.26 -13.58
CA GLY A 539 8.78 -30.67 -13.45
C GLY A 539 8.82 -29.32 -14.13
N GLY A 540 8.16 -29.24 -15.28
CA GLY A 540 8.11 -28.01 -16.04
C GLY A 540 7.37 -26.95 -15.22
N LEU A 541 6.20 -27.31 -14.73
CA LEU A 541 5.40 -26.39 -13.92
C LEU A 541 6.23 -25.86 -12.75
N VAL A 542 6.81 -26.78 -11.97
CA VAL A 542 7.61 -26.39 -10.81
C VAL A 542 8.72 -25.44 -11.17
N ASP A 543 9.50 -25.77 -12.19
CA ASP A 543 10.60 -24.88 -12.59
C ASP A 543 10.11 -23.52 -13.08
N LYS A 544 8.94 -23.50 -13.72
CA LYS A 544 8.39 -22.25 -14.21
C LYS A 544 7.94 -21.34 -13.06
N VAL A 545 7.05 -21.85 -12.19
CA VAL A 545 6.56 -21.05 -11.08
C VAL A 545 7.63 -20.57 -10.09
N ARG A 546 8.77 -21.26 -10.04
CA ARG A 546 9.83 -20.85 -9.12
C ARG A 546 10.86 -19.99 -9.83
N GLY A 547 10.62 -19.71 -11.12
CA GLY A 547 11.54 -18.89 -11.87
C GLY A 547 12.80 -19.61 -12.30
N ALA A 548 12.66 -20.88 -12.68
CA ALA A 548 13.81 -21.68 -13.10
C ALA A 548 13.80 -21.89 -14.61
N ALA A 549 12.60 -21.94 -15.18
CA ALA A 549 12.43 -22.13 -16.62
C ALA A 549 13.20 -21.08 -17.42
CL CL B . 21.87 -15.67 -2.26
PA FAD C . 9.34 7.16 2.72
O1A FAD C . 8.12 7.17 3.55
O2A FAD C . 9.62 8.37 1.89
O5B FAD C . 10.51 6.85 3.72
C5B FAD C . 11.90 6.72 3.33
C4B FAD C . 12.63 6.48 4.65
O4B FAD C . 14.02 6.36 4.25
C3B FAD C . 12.57 7.68 5.63
O3B FAD C . 12.05 7.33 6.88
C2B FAD C . 14.00 8.18 5.66
O2B FAD C . 14.44 8.84 6.84
C1B FAD C . 14.79 6.97 5.30
N9A FAD C . 16.12 7.22 4.76
C8A FAD C . 16.48 7.98 3.66
N7A FAD C . 17.78 8.00 3.43
C5A FAD C . 18.31 7.22 4.43
C6A FAD C . 19.63 6.81 4.80
N6A FAD C . 20.60 7.30 3.97
N1A FAD C . 19.88 5.99 5.89
C2A FAD C . 18.82 5.59 6.61
N3A FAD C . 17.48 5.89 6.39
C4A FAD C . 17.29 6.73 5.26
N1 FAD C . 1.73 10.66 0.50
C2 FAD C . 0.40 10.65 0.52
O2 FAD C . -0.28 9.70 0.12
N3 FAD C . -0.28 11.83 0.99
C4 FAD C . 0.38 13.00 1.48
O4 FAD C . -0.30 13.96 1.87
C4X FAD C . 1.79 12.95 1.45
N5 FAD C . 2.54 14.09 1.92
C5X FAD C . 3.95 14.05 1.90
C6 FAD C . 4.70 15.17 2.35
C7 FAD C . 6.11 15.20 2.35
C7M FAD C . 6.86 16.47 2.87
C8 FAD C . 6.86 14.04 1.84
C8M FAD C . 8.38 13.95 1.78
C9 FAD C . 6.09 12.89 1.38
C9A FAD C . 4.69 12.85 1.39
N10 FAD C . 3.83 11.69 0.92
C10 FAD C . 2.43 11.74 0.95
C1' FAD C . 4.49 10.46 0.39
C2' FAD C . 4.43 9.24 1.41
O2' FAD C . 5.03 9.63 2.64
C3' FAD C . 5.12 8.04 0.80
O3' FAD C . 4.48 7.69 -0.43
C4' FAD C . 5.10 6.82 1.69
O4' FAD C . 5.35 6.79 3.08
C5' FAD C . 5.87 5.81 0.90
O5' FAD C . 6.78 5.26 1.74
P FAD C . 8.24 4.77 1.39
O1P FAD C . 8.22 3.78 2.46
O2P FAD C . 8.53 4.21 0.04
O3P FAD C . 9.27 5.96 1.70
C7 K2C D . -3.41 14.41 -0.95
N6 K2C D . -2.96 13.49 0.09
C22 K2C D . -4.62 13.68 -1.50
C21 K2C D . -5.52 14.06 -2.55
C18 K2C D . -6.62 13.19 -2.91
N12 K2C D . -7.35 13.76 -3.94
C19 K2C D . -6.76 14.97 -4.29
C20 K2C D . -5.63 15.20 -3.44
C8 K2C D . -4.83 16.39 -3.59
C9 K2C D . -5.18 17.33 -4.57
C10 K2C D . -6.32 17.11 -5.41
C11 K2C D . -7.12 15.94 -5.28
O24 K2C D . -3.50 11.49 1.04
C5 K2C D . -3.71 12.38 0.22
C23 K2C D . -4.79 12.48 -0.80
C16 K2C D . -5.89 11.58 -1.12
C17 K2C D . -6.79 11.97 -2.19
N13 K2C D . -7.75 11.01 -2.34
C14 K2C D . -7.53 9.98 -1.43
C15 K2C D . -6.37 10.31 -0.65
C4 K2C D . -5.95 9.38 0.37
C3 K2C D . -6.70 8.20 0.55
C2 K2C D . -7.83 7.91 -0.23
C1 K2C D . -8.28 8.80 -1.25
#